data_3EP1
#
_entry.id   3EP1
#
_cell.length_a   35.360
_cell.length_b   71.850
_cell.length_c   141.880
_cell.angle_alpha   90.00
_cell.angle_beta   90.00
_cell.angle_gamma   90.00
#
_symmetry.space_group_name_H-M   'P 21 21 21'
#
loop_
_entity.id
_entity.type
_entity.pdbx_description
1 polymer 'PGRP-Hd - Peptidoglycan recognition protein homologue'
2 water water
#
_entity_poly.entity_id   1
_entity_poly.type   'polypeptide(L)'
_entity_poly.pdbx_seq_one_letter_code
;LADSIVPRQQWAAIEPRRQIKMNGRADEIFLWQTGPDTCSLMGLTADKCQGCLQDSSCTEQIVKALQDADFKEGNDDIKY
NFLIDQDGVIYEGRGWGVVGQHTKGRDSHSIGVAVIGDFGKKEPSQALQDALSKLIICGQAAEELSSGARLRTTPAMSGQ
AFYDMLDRCDGLCLDD
;
_entity_poly.pdbx_strand_id   A,B
#
# COMPACT_ATOMS: atom_id res chain seq x y z
N LEU A 1 -2.41 7.74 -7.49
CA LEU A 1 -3.42 8.00 -6.42
C LEU A 1 -4.23 6.75 -6.16
N ALA A 2 -5.03 6.34 -7.14
CA ALA A 2 -5.86 5.16 -7.01
C ALA A 2 -5.48 4.02 -7.97
N ASP A 3 -4.45 4.26 -8.80
CA ASP A 3 -4.02 3.26 -9.76
C ASP A 3 -3.11 2.18 -9.15
N SER A 4 -3.21 0.96 -9.66
CA SER A 4 -2.38 -0.12 -9.13
C SER A 4 -0.98 -0.08 -9.72
N ILE A 5 -0.07 -0.81 -9.08
CA ILE A 5 1.30 -0.90 -9.55
C ILE A 5 1.21 -1.73 -10.83
N VAL A 6 1.98 -1.37 -11.85
CA VAL A 6 1.95 -2.12 -13.11
C VAL A 6 2.71 -3.45 -12.96
N PRO A 7 1.99 -4.59 -13.07
CA PRO A 7 2.57 -5.92 -12.96
C PRO A 7 3.53 -6.27 -14.09
N ARG A 8 4.43 -7.23 -13.82
CA ARG A 8 5.42 -7.69 -14.78
C ARG A 8 4.82 -7.99 -16.14
N GLN A 9 3.73 -8.75 -16.13
CA GLN A 9 3.09 -9.14 -17.38
C GLN A 9 2.53 -7.97 -18.20
N GLN A 10 2.27 -6.84 -17.57
CA GLN A 10 1.73 -5.70 -18.31
C GLN A 10 2.81 -5.09 -19.19
N TRP A 11 4.08 -5.26 -18.81
CA TRP A 11 5.14 -4.74 -19.68
C TRP A 11 5.85 -5.87 -20.42
N ALA A 12 5.17 -7.01 -20.52
CA ALA A 12 5.67 -8.21 -21.22
C ALA A 12 7.00 -8.74 -20.68
N ALA A 13 7.11 -8.84 -19.36
CA ALA A 13 8.33 -9.32 -18.75
C ALA A 13 8.56 -10.81 -18.99
N ILE A 14 9.83 -11.19 -19.15
CA ILE A 14 10.19 -12.59 -19.32
C ILE A 14 10.46 -13.09 -17.91
N GLU A 15 10.12 -14.33 -17.61
CA GLU A 15 10.34 -14.87 -16.27
C GLU A 15 11.80 -14.76 -15.85
N PRO A 16 12.05 -14.66 -14.54
CA PRO A 16 13.41 -14.55 -14.01
C PRO A 16 14.18 -15.84 -14.26
N ARG A 17 15.50 -15.72 -14.44
CA ARG A 17 16.30 -16.93 -14.62
C ARG A 17 16.14 -17.72 -13.32
N ARG A 18 16.29 -17.02 -12.20
CA ARG A 18 16.16 -17.59 -10.87
C ARG A 18 15.59 -16.52 -9.93
N GLN A 19 14.78 -16.92 -8.98
CA GLN A 19 14.16 -15.98 -8.05
C GLN A 19 14.58 -16.31 -6.62
N ILE A 20 15.36 -15.43 -6.01
CA ILE A 20 15.80 -15.65 -4.64
C ILE A 20 14.92 -14.85 -3.68
N LYS A 21 14.21 -15.54 -2.81
CA LYS A 21 13.33 -14.88 -1.84
C LYS A 21 14.12 -14.11 -0.80
N MET A 22 13.45 -13.20 -0.13
CA MET A 22 14.11 -12.37 0.88
C MET A 22 13.63 -12.66 2.30
N ASN A 23 14.55 -13.05 3.17
CA ASN A 23 14.22 -13.34 4.56
C ASN A 23 14.11 -12.05 5.37
N GLY A 24 12.90 -11.71 5.78
CA GLY A 24 12.70 -10.51 6.57
C GLY A 24 12.37 -9.29 5.72
N ARG A 25 11.81 -8.27 6.36
CA ARG A 25 11.47 -7.06 5.66
C ARG A 25 12.74 -6.37 5.21
N ALA A 26 12.59 -5.36 4.38
CA ALA A 26 13.73 -4.62 3.89
C ALA A 26 13.77 -3.41 4.80
N ASP A 27 14.94 -3.05 5.28
CA ASP A 27 15.06 -1.91 6.15
C ASP A 27 15.62 -0.69 5.44
N GLU A 28 15.93 -0.83 4.16
CA GLU A 28 16.44 0.31 3.40
C GLU A 28 16.07 0.30 1.92
N ILE A 29 15.82 1.49 1.38
CA ILE A 29 15.47 1.66 -0.02
C ILE A 29 16.58 2.37 -0.78
N PHE A 30 17.12 1.73 -1.80
CA PHE A 30 18.20 2.33 -2.58
C PHE A 30 17.65 2.97 -3.86
N LEU A 31 17.91 4.25 -4.03
CA LEU A 31 17.44 5.00 -5.20
C LEU A 31 18.47 5.14 -6.31
N TRP A 32 18.09 4.71 -7.50
CA TRP A 32 18.97 4.79 -8.68
C TRP A 32 18.21 5.39 -9.83
N GLN A 33 18.87 6.23 -10.61
CA GLN A 33 18.24 6.85 -11.76
C GLN A 33 18.67 6.04 -12.98
N THR A 34 17.78 5.90 -13.97
CA THR A 34 18.15 5.15 -15.16
C THR A 34 19.11 5.98 -16.02
N GLY A 35 19.18 7.28 -15.73
CA GLY A 35 20.11 8.14 -16.43
C GLY A 35 19.63 8.98 -17.59
N PRO A 36 20.42 9.99 -17.97
CA PRO A 36 20.09 10.89 -19.08
C PRO A 36 20.05 10.09 -20.38
N ASP A 37 20.86 9.03 -20.43
CA ASP A 37 20.92 8.16 -21.60
C ASP A 37 19.79 7.11 -21.63
N THR A 38 18.67 7.39 -20.97
CA THR A 38 17.57 6.44 -20.97
C THR A 38 16.92 6.34 -22.36
N CYS A 39 16.75 7.48 -23.04
CA CYS A 39 16.12 7.46 -24.36
C CYS A 39 16.90 6.63 -25.40
N SER A 40 18.01 6.06 -24.99
CA SER A 40 18.82 5.23 -25.87
C SER A 40 18.23 3.82 -25.87
N LEU A 41 18.17 3.21 -27.05
CA LEU A 41 17.61 1.87 -27.25
C LEU A 41 16.95 1.99 -28.61
N MET A 42 16.16 3.06 -28.74
CA MET A 42 15.45 3.36 -29.97
C MET A 42 16.02 4.69 -30.49
N GLY A 43 16.12 5.66 -29.60
CA GLY A 43 16.66 6.95 -29.99
C GLY A 43 15.91 8.12 -29.38
N GLY A 51 9.09 13.41 -23.57
CA GLY A 51 8.01 13.00 -24.44
C GLY A 51 7.75 11.52 -24.26
N CYS A 52 8.75 10.72 -24.63
CA CYS A 52 8.67 9.28 -24.49
C CYS A 52 8.79 9.09 -22.97
N LEU A 53 9.82 9.68 -22.38
CA LEU A 53 10.04 9.59 -20.94
C LEU A 53 8.85 10.20 -20.19
N GLN A 54 8.02 10.94 -20.92
CA GLN A 54 6.85 11.57 -20.31
C GLN A 54 5.61 10.66 -20.38
N ASP A 55 4.44 11.28 -20.53
CA ASP A 55 3.17 10.57 -20.62
C ASP A 55 2.99 10.04 -22.04
N SER A 56 3.07 8.72 -22.19
CA SER A 56 2.90 8.11 -23.50
C SER A 56 2.84 6.60 -23.40
N SER A 57 3.41 6.06 -22.32
CA SER A 57 3.46 4.62 -22.11
C SER A 57 4.48 4.03 -23.07
N CYS A 58 5.49 4.83 -23.41
CA CYS A 58 6.57 4.36 -24.25
C CYS A 58 7.45 3.79 -23.11
N THR A 59 7.16 4.26 -21.90
CA THR A 59 7.85 3.87 -20.68
C THR A 59 7.79 2.37 -20.40
N GLU A 60 6.70 1.73 -20.78
CA GLU A 60 6.59 0.30 -20.57
C GLU A 60 7.64 -0.37 -21.44
N GLN A 61 7.84 0.17 -22.64
CA GLN A 61 8.83 -0.38 -23.56
C GLN A 61 10.24 -0.17 -23.01
N ILE A 62 10.44 0.88 -22.23
CA ILE A 62 11.75 1.12 -21.66
C ILE A 62 12.06 0.11 -20.57
N VAL A 63 11.05 -0.21 -19.76
CA VAL A 63 11.22 -1.16 -18.69
C VAL A 63 11.63 -2.50 -19.30
N LYS A 64 10.95 -2.89 -20.38
CA LYS A 64 11.27 -4.13 -21.06
C LYS A 64 12.72 -4.08 -21.54
N ALA A 65 13.09 -2.95 -22.14
CA ALA A 65 14.45 -2.76 -22.65
C ALA A 65 15.49 -2.91 -21.55
N LEU A 66 15.16 -2.42 -20.35
CA LEU A 66 16.08 -2.51 -19.23
C LEU A 66 16.27 -3.97 -18.87
N GLN A 67 15.17 -4.70 -18.78
CA GLN A 67 15.28 -6.10 -18.44
C GLN A 67 16.24 -6.77 -19.42
N ASP A 68 15.99 -6.60 -20.72
CA ASP A 68 16.85 -7.19 -21.73
C ASP A 68 18.34 -6.89 -21.49
N ALA A 69 18.61 -5.64 -21.16
CA ALA A 69 19.96 -5.18 -20.90
C ALA A 69 20.53 -5.88 -19.67
N ASP A 70 19.70 -6.09 -18.66
CA ASP A 70 20.16 -6.73 -17.46
C ASP A 70 20.45 -8.21 -17.68
N PHE A 71 19.63 -8.89 -18.48
CA PHE A 71 19.87 -10.29 -18.78
C PHE A 71 21.23 -10.41 -19.49
N LYS A 72 21.42 -9.60 -20.52
CA LYS A 72 22.67 -9.61 -21.29
C LYS A 72 23.92 -9.52 -20.42
N GLU A 73 23.83 -8.73 -19.34
CA GLU A 73 24.97 -8.56 -18.46
C GLU A 73 25.13 -9.70 -17.45
N GLY A 74 24.23 -10.67 -17.49
CA GLY A 74 24.32 -11.79 -16.58
C GLY A 74 23.44 -11.79 -15.33
N ASN A 75 22.59 -10.78 -15.19
CA ASN A 75 21.71 -10.72 -14.02
C ASN A 75 20.56 -11.73 -14.14
N ASP A 76 19.99 -12.13 -13.01
CA ASP A 76 18.89 -13.07 -12.97
C ASP A 76 17.57 -12.49 -13.45
N ASP A 77 17.52 -11.17 -13.64
CA ASP A 77 16.31 -10.48 -14.06
C ASP A 77 16.60 -8.99 -14.02
N ILE A 78 15.60 -8.17 -14.36
CA ILE A 78 15.78 -6.72 -14.31
C ILE A 78 16.31 -6.45 -12.89
N LYS A 79 17.28 -5.55 -12.77
CA LYS A 79 17.95 -5.21 -11.50
C LYS A 79 17.14 -4.70 -10.31
N TYR A 80 16.08 -3.94 -10.59
CA TYR A 80 15.30 -3.36 -9.51
C TYR A 80 14.02 -4.06 -9.10
N ASN A 81 13.60 -3.78 -7.87
CA ASN A 81 12.37 -4.34 -7.30
C ASN A 81 11.16 -3.59 -7.86
N PHE A 82 11.36 -2.30 -8.14
CA PHE A 82 10.33 -1.43 -8.68
C PHE A 82 10.96 -0.30 -9.47
N LEU A 83 10.18 0.31 -10.35
CA LEU A 83 10.64 1.44 -11.15
C LEU A 83 9.49 2.45 -11.22
N ILE A 84 9.83 3.73 -11.27
CA ILE A 84 8.82 4.79 -11.29
C ILE A 84 9.12 5.82 -12.37
N ASP A 85 8.12 6.17 -13.20
CA ASP A 85 8.34 7.16 -14.24
C ASP A 85 7.93 8.55 -13.79
N GLN A 86 8.20 9.55 -14.62
CA GLN A 86 7.92 10.94 -14.27
C GLN A 86 6.45 11.34 -14.14
N ASP A 87 5.54 10.45 -14.53
CA ASP A 87 4.12 10.72 -14.41
C ASP A 87 3.55 9.98 -13.21
N GLY A 88 4.42 9.45 -12.35
CA GLY A 88 3.95 8.74 -11.17
C GLY A 88 3.53 7.30 -11.34
N VAL A 89 3.78 6.72 -12.51
CA VAL A 89 3.41 5.33 -12.76
C VAL A 89 4.46 4.41 -12.12
N ILE A 90 4.01 3.45 -11.33
CA ILE A 90 4.91 2.50 -10.68
C ILE A 90 4.90 1.16 -11.40
N TYR A 91 6.08 0.63 -11.72
CA TYR A 91 6.16 -0.66 -12.41
C TYR A 91 6.79 -1.73 -11.54
N GLU A 92 6.24 -2.92 -11.60
CA GLU A 92 6.78 -4.01 -10.82
C GLU A 92 8.00 -4.59 -11.52
N GLY A 93 9.12 -4.65 -10.79
CA GLY A 93 10.32 -5.23 -11.34
C GLY A 93 10.33 -6.63 -10.73
N ARG A 94 11.29 -6.88 -9.85
CA ARG A 94 11.34 -8.17 -9.19
C ARG A 94 10.22 -8.23 -8.16
N GLY A 95 9.73 -7.06 -7.74
CA GLY A 95 8.65 -7.00 -6.78
C GLY A 95 9.06 -7.12 -5.31
N TRP A 96 8.07 -7.19 -4.43
CA TRP A 96 8.33 -7.30 -3.00
C TRP A 96 8.84 -8.70 -2.67
N GLY A 97 9.59 -8.83 -1.58
CA GLY A 97 10.09 -10.12 -1.15
C GLY A 97 11.11 -10.86 -1.98
N VAL A 98 11.78 -10.18 -2.89
CA VAL A 98 12.80 -10.83 -3.72
C VAL A 98 14.08 -9.99 -3.76
N VAL A 99 15.24 -10.65 -3.67
CA VAL A 99 16.51 -9.94 -3.70
C VAL A 99 16.86 -9.47 -5.10
N GLY A 100 17.22 -8.19 -5.21
CA GLY A 100 17.58 -7.63 -6.50
C GLY A 100 19.09 -7.64 -6.70
N GLN A 101 19.55 -6.96 -7.75
CA GLN A 101 20.97 -6.84 -8.06
C GLN A 101 21.18 -5.39 -8.52
N HIS A 102 20.97 -4.47 -7.60
CA HIS A 102 21.07 -3.03 -7.85
C HIS A 102 22.14 -2.29 -7.06
N THR A 103 22.44 -2.75 -5.86
CA THR A 103 23.47 -2.10 -5.05
C THR A 103 24.43 -3.17 -4.52
N LYS A 104 25.53 -3.35 -5.24
CA LYS A 104 26.53 -4.36 -4.89
C LYS A 104 26.80 -4.46 -3.41
N GLY A 105 26.61 -5.66 -2.88
CA GLY A 105 26.85 -5.91 -1.47
C GLY A 105 25.73 -5.58 -0.51
N ARG A 106 24.74 -4.81 -0.96
CA ARG A 106 23.63 -4.41 -0.11
C ARG A 106 22.24 -4.86 -0.57
N ASP A 107 22.16 -5.85 -1.46
CA ASP A 107 20.88 -6.30 -1.97
C ASP A 107 20.06 -7.20 -1.06
N SER A 108 20.72 -7.97 -0.21
CA SER A 108 20.04 -8.91 0.66
C SER A 108 18.90 -8.43 1.56
N HIS A 109 18.95 -7.21 2.06
CA HIS A 109 17.86 -6.74 2.92
C HIS A 109 17.40 -5.35 2.57
N SER A 110 17.17 -5.10 1.28
CA SER A 110 16.72 -3.79 0.85
C SER A 110 15.87 -3.89 -0.41
N ILE A 111 15.35 -2.75 -0.82
CA ILE A 111 14.52 -2.64 -2.01
C ILE A 111 15.19 -1.64 -2.97
N GLY A 112 15.39 -2.07 -4.20
CA GLY A 112 16.00 -1.19 -5.18
C GLY A 112 14.93 -0.57 -6.05
N VAL A 113 14.91 0.75 -6.09
CA VAL A 113 13.93 1.46 -6.89
C VAL A 113 14.64 2.33 -7.91
N ALA A 114 14.32 2.14 -9.18
CA ALA A 114 14.91 2.93 -10.24
C ALA A 114 13.94 4.03 -10.62
N VAL A 115 14.45 5.25 -10.79
CA VAL A 115 13.61 6.37 -11.20
C VAL A 115 13.99 6.67 -12.66
N ILE A 116 13.00 6.57 -13.53
CA ILE A 116 13.21 6.73 -14.96
C ILE A 116 13.48 8.15 -15.44
N GLY A 117 14.75 8.42 -15.73
CA GLY A 117 15.13 9.74 -16.22
C GLY A 117 16.50 10.19 -15.75
N ASP A 118 16.81 11.46 -15.99
CA ASP A 118 18.08 12.08 -15.61
C ASP A 118 17.74 13.17 -14.64
N PHE A 119 18.27 13.07 -13.42
CA PHE A 119 18.00 14.05 -12.38
C PHE A 119 19.30 14.67 -11.89
N GLY A 120 20.26 14.79 -12.81
CA GLY A 120 21.52 15.38 -12.45
C GLY A 120 21.37 16.88 -12.25
N LYS A 121 20.47 17.50 -13.03
CA LYS A 121 20.24 18.92 -12.95
C LYS A 121 18.82 19.30 -12.53
N LYS A 122 17.83 18.55 -13.02
CA LYS A 122 16.43 18.83 -12.69
C LYS A 122 15.86 17.88 -11.64
N GLU A 123 15.16 18.45 -10.67
CA GLU A 123 14.52 17.63 -9.64
C GLU A 123 13.41 16.85 -10.31
N PRO A 124 13.03 15.69 -9.74
CA PRO A 124 11.96 14.87 -10.30
C PRO A 124 10.59 15.53 -10.16
N SER A 125 9.69 15.24 -11.10
CA SER A 125 8.34 15.79 -11.07
C SER A 125 7.69 15.48 -9.73
N GLN A 126 6.68 16.26 -9.39
CA GLN A 126 5.98 16.04 -8.13
C GLN A 126 5.24 14.72 -8.20
N ALA A 127 4.80 14.36 -9.40
CA ALA A 127 4.06 13.12 -9.61
C ALA A 127 4.92 11.91 -9.26
N LEU A 128 6.21 11.98 -9.59
CA LEU A 128 7.14 10.90 -9.32
C LEU A 128 7.40 10.80 -7.82
N GLN A 129 7.57 11.93 -7.16
CA GLN A 129 7.79 11.94 -5.72
C GLN A 129 6.65 11.32 -4.94
N ASP A 130 5.41 11.67 -5.30
CA ASP A 130 4.24 11.13 -4.61
C ASP A 130 4.14 9.62 -4.79
N ALA A 131 4.46 9.13 -5.98
CA ALA A 131 4.41 7.69 -6.25
C ALA A 131 5.47 7.04 -5.37
N LEU A 132 6.64 7.67 -5.32
CA LEU A 132 7.73 7.16 -4.50
C LEU A 132 7.25 7.10 -3.07
N SER A 133 6.63 8.18 -2.61
CA SER A 133 6.10 8.25 -1.26
C SER A 133 5.07 7.17 -1.01
N LYS A 134 4.16 6.99 -1.96
CA LYS A 134 3.11 5.98 -1.83
C LYS A 134 3.69 4.56 -1.74
N LEU A 135 4.63 4.23 -2.62
CA LEU A 135 5.24 2.91 -2.63
C LEU A 135 5.79 2.53 -1.26
N ILE A 136 6.52 3.45 -0.64
CA ILE A 136 7.11 3.20 0.65
C ILE A 136 6.05 3.03 1.74
N ILE A 137 5.13 3.98 1.81
CA ILE A 137 4.10 3.92 2.81
C ILE A 137 3.27 2.64 2.67
N CYS A 138 2.98 2.24 1.43
CA CYS A 138 2.22 1.01 1.24
C CYS A 138 3.10 -0.22 1.49
N GLY A 139 4.41 -0.06 1.32
CA GLY A 139 5.30 -1.18 1.57
C GLY A 139 5.31 -1.42 3.06
N GLN A 140 5.37 -0.32 3.81
CA GLN A 140 5.39 -0.37 5.27
C GLN A 140 4.08 -0.91 5.84
N ALA A 141 2.96 -0.45 5.30
CA ALA A 141 1.66 -0.91 5.75
C ALA A 141 1.55 -2.42 5.57
N ALA A 142 2.06 -2.92 4.44
CA ALA A 142 2.03 -4.34 4.12
C ALA A 142 3.16 -5.13 4.76
N GLU A 143 3.95 -4.46 5.60
CA GLU A 143 5.05 -5.11 6.29
C GLU A 143 6.15 -5.64 5.37
N GLU A 144 6.38 -4.96 4.24
CA GLU A 144 7.43 -5.38 3.30
C GLU A 144 8.69 -4.57 3.60
N LEU A 145 8.48 -3.37 4.14
CA LEU A 145 9.55 -2.46 4.51
C LEU A 145 9.37 -2.18 6.00
N SER A 146 10.48 -2.07 6.74
CA SER A 146 10.41 -1.78 8.17
C SER A 146 9.86 -0.39 8.40
N SER A 147 9.40 -0.11 9.62
CA SER A 147 8.81 1.18 9.95
C SER A 147 9.74 2.40 9.92
N GLY A 148 11.04 2.16 9.92
CA GLY A 148 11.97 3.27 9.88
C GLY A 148 12.89 3.27 8.68
N ALA A 149 12.64 2.35 7.74
CA ALA A 149 13.45 2.21 6.52
C ALA A 149 13.97 3.54 6.01
N ARG A 150 15.27 3.61 5.75
CA ARG A 150 15.88 4.83 5.25
C ARG A 150 16.03 4.83 3.72
N LEU A 151 15.67 5.95 3.10
CA LEU A 151 15.80 6.11 1.67
C LEU A 151 17.24 6.55 1.44
N ARG A 152 18.06 5.63 0.92
CA ARG A 152 19.47 5.89 0.69
C ARG A 152 19.86 6.14 -0.77
N THR A 153 20.76 7.09 -0.99
CA THR A 153 21.26 7.41 -2.32
C THR A 153 22.42 8.42 -2.29
N THR A 154 22.98 8.71 -3.46
CA THR A 154 24.07 9.66 -3.63
C THR A 154 23.88 10.32 -4.99
N PRO A 155 24.60 11.41 -5.28
CA PRO A 155 24.42 12.06 -6.59
C PRO A 155 24.79 11.15 -7.75
N ALA A 156 25.71 10.23 -7.51
CA ALA A 156 26.15 9.29 -8.54
C ALA A 156 25.08 8.26 -8.86
N MET A 157 24.34 7.87 -7.83
CA MET A 157 23.29 6.86 -7.96
C MET A 157 22.01 7.36 -8.60
N SER A 158 21.51 8.49 -8.12
CA SER A 158 20.25 9.04 -8.59
C SER A 158 20.28 10.46 -9.17
N GLY A 159 21.46 11.05 -9.25
CA GLY A 159 21.56 12.40 -9.78
C GLY A 159 21.63 13.45 -8.68
N GLN A 160 22.45 14.46 -8.94
CA GLN A 160 22.66 15.57 -8.03
C GLN A 160 21.35 16.21 -7.58
N ALA A 161 20.52 16.55 -8.56
CA ALA A 161 19.24 17.17 -8.27
C ALA A 161 18.39 16.34 -7.31
N PHE A 162 18.37 15.03 -7.50
CA PHE A 162 17.57 14.20 -6.62
C PHE A 162 18.14 14.15 -5.22
N TYR A 163 19.46 13.97 -5.14
CA TYR A 163 20.17 13.91 -3.86
C TYR A 163 19.99 15.20 -3.06
N ASP A 164 20.14 16.34 -3.74
CA ASP A 164 20.00 17.64 -3.08
C ASP A 164 18.66 17.78 -2.39
N MET A 165 17.61 17.36 -3.07
CA MET A 165 16.24 17.46 -2.57
C MET A 165 15.93 16.62 -1.34
N LEU A 166 16.40 15.38 -1.30
CA LEU A 166 16.14 14.51 -0.15
C LEU A 166 17.01 14.98 1.01
N ASP A 167 18.19 15.45 0.69
CA ASP A 167 19.13 15.92 1.70
C ASP A 167 18.64 17.11 2.51
N ARG A 168 17.85 18.00 1.91
CA ARG A 168 17.37 19.15 2.65
C ARG A 168 16.01 18.93 3.30
N CYS A 169 15.41 17.78 2.99
CA CYS A 169 14.12 17.41 3.56
C CYS A 169 14.22 16.13 4.36
N ASP A 170 15.44 15.67 4.64
CA ASP A 170 15.64 14.45 5.40
C ASP A 170 14.68 13.37 4.89
N GLY A 171 14.66 13.20 3.58
CA GLY A 171 13.76 12.25 2.94
C GLY A 171 12.91 13.09 2.02
N LEU A 172 11.87 12.51 1.44
CA LEU A 172 11.01 13.26 0.53
C LEU A 172 10.36 14.46 1.21
N CYS A 173 10.21 15.54 0.43
CA CYS A 173 9.63 16.78 0.92
C CYS A 173 8.11 16.78 0.95
N LEU A 174 7.55 17.32 2.04
CA LEU A 174 6.10 17.40 2.18
C LEU A 174 5.59 18.76 1.72
N LEU B 1 0.59 7.25 11.37
CA LEU B 1 0.98 7.18 9.94
C LEU B 1 2.39 6.59 9.81
N ALA B 2 2.62 5.87 8.71
CA ALA B 2 3.91 5.24 8.42
C ALA B 2 4.14 3.85 9.04
N ASP B 3 3.22 3.39 9.88
CA ASP B 3 3.35 2.08 10.51
C ASP B 3 2.75 0.97 9.63
N SER B 4 2.82 -0.27 10.10
CA SER B 4 2.25 -1.38 9.35
C SER B 4 0.87 -1.73 9.90
N ILE B 5 0.08 -2.43 9.10
CA ILE B 5 -1.25 -2.87 9.54
C ILE B 5 -1.03 -3.93 10.62
N VAL B 6 -1.79 -3.88 11.71
CA VAL B 6 -1.63 -4.87 12.77
C VAL B 6 -2.16 -6.23 12.28
N PRO B 7 -1.29 -7.24 12.22
CA PRO B 7 -1.69 -8.57 11.76
C PRO B 7 -2.49 -9.35 12.78
N ARG B 8 -3.17 -10.39 12.32
CA ARG B 8 -4.00 -11.23 13.18
C ARG B 8 -3.25 -11.71 14.42
N GLN B 9 -1.99 -12.11 14.24
CA GLN B 9 -1.20 -12.61 15.37
C GLN B 9 -0.87 -11.57 16.44
N GLN B 10 -0.80 -10.31 16.05
CA GLN B 10 -0.51 -9.27 17.03
C GLN B 10 -1.65 -9.17 18.04
N TRP B 11 -2.90 -9.26 17.59
CA TRP B 11 -3.99 -9.21 18.56
C TRP B 11 -4.44 -10.60 18.99
N ALA B 12 -3.58 -11.58 18.75
CA ALA B 12 -3.82 -12.97 19.14
C ALA B 12 -5.11 -13.57 18.62
N ALA B 13 -5.35 -13.43 17.33
CA ALA B 13 -6.56 -13.96 16.70
C ALA B 13 -6.57 -15.48 16.57
N ILE B 14 -7.78 -16.04 16.58
CA ILE B 14 -7.98 -17.48 16.44
C ILE B 14 -8.08 -17.77 14.94
N GLU B 15 -7.59 -18.92 14.51
CA GLU B 15 -7.66 -19.28 13.09
C GLU B 15 -9.16 -19.30 12.75
N PRO B 16 -9.51 -18.93 11.51
CA PRO B 16 -10.96 -18.98 11.27
C PRO B 16 -11.40 -20.44 11.12
N ARG B 17 -12.68 -20.72 11.31
CA ARG B 17 -13.14 -22.09 11.17
C ARG B 17 -13.62 -22.36 9.73
N ARG B 18 -13.27 -21.44 8.83
CA ARG B 18 -13.66 -21.54 7.42
C ARG B 18 -13.23 -20.25 6.71
N GLN B 19 -12.55 -20.36 5.57
CA GLN B 19 -12.09 -19.18 4.84
C GLN B 19 -12.34 -19.28 3.34
N ILE B 20 -13.33 -18.55 2.85
CA ILE B 20 -13.71 -18.54 1.43
C ILE B 20 -12.99 -17.47 0.61
N LYS B 21 -12.18 -17.89 -0.36
CA LYS B 21 -11.43 -16.95 -1.22
C LYS B 21 -12.36 -16.10 -2.08
N MET B 22 -11.97 -14.84 -2.27
CA MET B 22 -12.77 -13.91 -3.09
C MET B 22 -12.44 -13.98 -4.57
N ASN B 23 -13.47 -13.88 -5.40
CA ASN B 23 -13.33 -13.94 -6.86
C ASN B 23 -12.76 -12.65 -7.48
N GLY B 24 -11.46 -12.43 -7.30
CA GLY B 24 -10.84 -11.25 -7.88
C GLY B 24 -11.16 -9.94 -7.18
N ARG B 25 -10.57 -8.86 -7.66
CA ARG B 25 -10.72 -7.51 -7.10
C ARG B 25 -12.09 -7.13 -6.53
N ALA B 26 -12.08 -6.47 -5.38
CA ALA B 26 -13.32 -6.00 -4.77
C ALA B 26 -13.49 -4.59 -5.34
N ASP B 27 -14.73 -4.18 -5.60
CA ASP B 27 -14.97 -2.85 -6.16
C ASP B 27 -15.85 -1.99 -5.27
N GLU B 28 -16.06 -2.43 -4.04
CA GLU B 28 -16.89 -1.70 -3.10
C GLU B 28 -16.30 -1.80 -1.70
N ILE B 29 -16.54 -0.79 -0.90
CA ILE B 29 -16.06 -0.78 0.46
C ILE B 29 -17.18 -0.34 1.41
N PHE B 30 -17.63 -1.28 2.24
CA PHE B 30 -18.71 -1.02 3.19
C PHE B 30 -18.18 -0.63 4.56
N LEU B 31 -18.50 0.59 4.96
CA LEU B 31 -18.07 1.12 6.24
C LEU B 31 -19.12 0.94 7.34
N TRP B 32 -18.75 0.24 8.41
CA TRP B 32 -19.64 -0.01 9.54
C TRP B 32 -19.00 0.52 10.83
N GLN B 33 -19.81 0.77 11.84
CA GLN B 33 -19.29 1.23 13.13
C GLN B 33 -19.52 0.09 14.10
N THR B 34 -18.66 -0.06 15.11
CA THR B 34 -18.83 -1.12 16.08
C THR B 34 -19.92 -0.79 17.09
N GLY B 35 -20.19 0.49 17.30
CA GLY B 35 -21.25 0.87 18.22
C GLY B 35 -20.81 1.59 19.47
N PRO B 36 -21.62 2.54 19.99
CA PRO B 36 -21.29 3.29 21.20
C PRO B 36 -21.10 2.40 22.42
N ASP B 37 -21.59 1.18 22.32
CA ASP B 37 -21.48 0.20 23.40
C ASP B 37 -20.25 -0.71 23.30
N THR B 38 -19.50 -0.59 22.21
CA THR B 38 -18.32 -1.41 22.00
C THR B 38 -17.56 -1.76 23.28
N CYS B 39 -17.48 -0.81 24.22
CA CYS B 39 -16.78 -1.01 25.49
C CYS B 39 -17.01 -2.38 26.16
N SER B 40 -18.02 -3.11 25.73
CA SER B 40 -18.33 -4.44 26.32
C SER B 40 -18.15 -5.58 25.32
N GLY B 51 -11.85 6.78 27.12
CA GLY B 51 -10.53 6.32 27.52
C GLY B 51 -10.04 5.25 26.58
N CYS B 52 -10.67 4.07 26.67
CA CYS B 52 -10.31 2.94 25.82
C CYS B 52 -10.84 3.17 24.40
N LEU B 53 -10.72 4.42 23.95
CA LEU B 53 -11.14 4.83 22.61
C LEU B 53 -9.82 4.85 21.86
N GLN B 54 -8.76 4.93 22.65
CA GLN B 54 -7.38 4.96 22.19
C GLN B 54 -6.73 4.01 23.16
N ASP B 55 -6.75 4.45 24.41
CA ASP B 55 -6.20 3.68 25.51
C ASP B 55 -4.81 3.22 25.14
N SER B 56 -4.18 2.47 26.03
CA SER B 56 -2.83 1.95 25.82
C SER B 56 -2.96 0.55 25.23
N SER B 57 -3.24 0.49 23.94
CA SER B 57 -3.41 -0.79 23.25
C SER B 57 -4.61 -1.53 23.82
N CYS B 58 -5.69 -0.79 24.05
CA CYS B 58 -6.92 -1.38 24.58
C CYS B 58 -7.76 -1.76 23.35
N THR B 59 -7.70 -0.94 22.30
CA THR B 59 -8.47 -1.22 21.09
C THR B 59 -8.05 -2.55 20.45
N GLU B 60 -6.92 -3.09 20.91
CA GLU B 60 -6.39 -4.35 20.39
C GLU B 60 -7.07 -5.57 21.02
N GLN B 61 -7.52 -5.43 22.27
CA GLN B 61 -8.19 -6.54 22.93
C GLN B 61 -9.65 -6.47 22.54
N ILE B 62 -10.07 -5.30 22.07
CA ILE B 62 -11.43 -5.10 21.64
C ILE B 62 -11.63 -5.84 20.34
N VAL B 63 -10.61 -5.80 19.48
CA VAL B 63 -10.68 -6.51 18.21
C VAL B 63 -10.82 -7.98 18.55
N LYS B 64 -9.89 -8.47 19.36
CA LYS B 64 -9.88 -9.86 19.80
C LYS B 64 -11.25 -10.28 20.29
N ALA B 65 -11.86 -9.41 21.09
CA ALA B 65 -13.19 -9.66 21.65
C ALA B 65 -14.27 -9.69 20.57
N LEU B 66 -14.23 -8.72 19.66
CA LEU B 66 -15.20 -8.65 18.59
C LEU B 66 -15.21 -9.97 17.81
N GLN B 67 -14.04 -10.56 17.63
CA GLN B 67 -13.96 -11.83 16.93
C GLN B 67 -14.71 -12.87 17.74
N ASP B 68 -14.39 -12.95 19.04
CA ASP B 68 -15.05 -13.88 19.94
C ASP B 68 -16.56 -13.72 19.87
N ALA B 69 -17.02 -12.48 19.83
CA ALA B 69 -18.44 -12.20 19.73
C ALA B 69 -18.98 -12.76 18.43
N ASP B 70 -18.32 -12.40 17.32
CA ASP B 70 -18.72 -12.86 15.99
C ASP B 70 -18.84 -14.38 15.90
N PHE B 71 -18.09 -15.10 16.73
CA PHE B 71 -18.16 -16.55 16.73
C PHE B 71 -19.46 -17.06 17.33
N LYS B 72 -19.74 -16.65 18.57
CA LYS B 72 -20.97 -17.08 19.24
C LYS B 72 -22.19 -16.79 18.37
N GLU B 73 -22.01 -15.86 17.43
CA GLU B 73 -23.07 -15.46 16.50
C GLU B 73 -23.20 -16.32 15.25
N GLY B 74 -22.33 -17.31 15.11
CA GLY B 74 -22.41 -18.19 13.96
C GLY B 74 -21.53 -17.82 12.77
N ASN B 75 -20.74 -16.76 12.91
CA ASN B 75 -19.86 -16.32 11.83
C ASN B 75 -18.62 -17.19 11.75
N ASP B 76 -18.02 -17.27 10.57
CA ASP B 76 -16.81 -18.07 10.38
C ASP B 76 -15.59 -17.44 11.02
N ASP B 77 -15.69 -16.14 11.31
CA ASP B 77 -14.57 -15.41 11.91
C ASP B 77 -15.05 -13.96 12.04
N ILE B 78 -14.23 -13.10 12.64
CA ILE B 78 -14.61 -11.69 12.76
C ILE B 78 -15.16 -11.33 11.37
N LYS B 79 -16.31 -10.66 11.34
CA LYS B 79 -16.97 -10.32 10.08
C LYS B 79 -16.33 -9.34 9.09
N TYR B 80 -15.45 -8.46 9.57
CA TYR B 80 -14.83 -7.47 8.71
C TYR B 80 -13.47 -7.87 8.14
N ASN B 81 -13.11 -7.26 7.02
CA ASN B 81 -11.82 -7.54 6.39
C ASN B 81 -10.73 -6.72 7.07
N PHE B 82 -11.13 -5.59 7.65
CA PHE B 82 -10.22 -4.70 8.38
C PHE B 82 -10.99 -3.89 9.40
N LEU B 83 -10.28 -3.30 10.35
CA LEU B 83 -10.87 -2.45 11.38
C LEU B 83 -9.90 -1.29 11.67
N ILE B 84 -10.43 -0.11 12.02
CA ILE B 84 -9.61 1.07 12.30
C ILE B 84 -10.06 1.79 13.57
N ASP B 85 -9.10 2.12 14.44
CA ASP B 85 -9.44 2.80 15.68
C ASP B 85 -9.28 4.31 15.51
N GLN B 86 -9.76 5.05 16.50
CA GLN B 86 -9.73 6.50 16.48
C GLN B 86 -8.36 7.16 16.44
N ASP B 87 -7.31 6.38 16.68
CA ASP B 87 -5.97 6.94 16.63
C ASP B 87 -5.30 6.70 15.28
N GLY B 88 -6.00 6.01 14.39
CA GLY B 88 -5.46 5.75 13.07
C GLY B 88 -4.77 4.42 12.86
N VAL B 89 -4.85 3.50 13.82
CA VAL B 89 -4.19 2.21 13.63
C VAL B 89 -5.16 1.27 12.93
N ILE B 90 -4.66 0.57 11.92
CA ILE B 90 -5.46 -0.37 11.16
C ILE B 90 -5.23 -1.78 11.64
N TYR B 91 -6.31 -2.53 11.80
CA TYR B 91 -6.25 -3.90 12.26
C TYR B 91 -6.70 -4.88 11.18
N GLU B 92 -5.88 -5.91 10.94
CA GLU B 92 -6.23 -6.91 9.94
C GLU B 92 -7.35 -7.81 10.46
N GLY B 93 -8.47 -7.82 9.76
CA GLY B 93 -9.57 -8.68 10.14
C GLY B 93 -9.36 -9.95 9.33
N ARG B 94 -10.21 -10.22 8.35
CA ARG B 94 -10.07 -11.40 7.50
C ARG B 94 -8.98 -11.11 6.47
N GLY B 95 -8.60 -9.84 6.36
CA GLY B 95 -7.58 -9.43 5.41
C GLY B 95 -8.08 -9.37 3.98
N TRP B 96 -7.18 -9.07 3.05
CA TRP B 96 -7.55 -9.00 1.64
C TRP B 96 -7.84 -10.39 1.08
N GLY B 97 -8.63 -10.45 0.01
CA GLY B 97 -8.92 -11.72 -0.64
C GLY B 97 -9.86 -12.71 0.01
N VAL B 98 -10.49 -12.32 1.11
CA VAL B 98 -11.41 -13.23 1.76
C VAL B 98 -12.78 -12.60 1.92
N VAL B 99 -13.81 -13.36 1.57
CA VAL B 99 -15.19 -12.89 1.68
C VAL B 99 -15.56 -12.73 3.16
N GLY B 100 -16.03 -11.55 3.52
CA GLY B 100 -16.42 -11.31 4.90
C GLY B 100 -17.90 -11.55 5.12
N GLN B 101 -18.38 -11.33 6.34
CA GLN B 101 -19.80 -11.51 6.67
C GLN B 101 -20.28 -10.24 7.38
N HIS B 102 -20.13 -9.11 6.69
CA HIS B 102 -20.48 -7.80 7.23
C HIS B 102 -21.71 -7.14 6.60
N THR B 103 -21.86 -7.23 5.28
CA THR B 103 -22.99 -6.61 4.61
C THR B 103 -23.83 -7.66 3.90
N LYS B 104 -24.85 -8.15 4.59
CA LYS B 104 -25.73 -9.19 4.06
C LYS B 104 -26.06 -9.10 2.58
N GLY B 105 -25.73 -10.14 1.84
CA GLY B 105 -26.01 -10.17 0.42
C GLY B 105 -25.04 -9.43 -0.48
N ARG B 106 -24.06 -8.75 0.11
CA ARG B 106 -23.11 -7.98 -0.68
C ARG B 106 -21.65 -8.19 -0.29
N ASP B 107 -21.37 -9.26 0.44
CA ASP B 107 -20.01 -9.55 0.88
C ASP B 107 -19.05 -10.05 -0.20
N SER B 108 -19.58 -10.72 -1.21
CA SER B 108 -18.76 -11.34 -2.26
C SER B 108 -17.73 -10.53 -3.04
N HIS B 109 -17.97 -9.25 -3.31
CA HIS B 109 -17.02 -8.44 -4.06
C HIS B 109 -16.70 -7.10 -3.42
N SER B 110 -16.79 -7.04 -2.10
CA SER B 110 -16.53 -5.81 -1.40
C SER B 110 -15.58 -6.05 -0.26
N ILE B 111 -15.11 -4.97 0.33
CA ILE B 111 -14.23 -5.05 1.48
C ILE B 111 -15.06 -4.44 2.61
N GLY B 112 -15.09 -5.13 3.75
CA GLY B 112 -15.84 -4.66 4.89
C GLY B 112 -14.93 -4.08 5.94
N VAL B 113 -15.08 -2.77 6.17
CA VAL B 113 -14.27 -2.05 7.15
C VAL B 113 -15.11 -1.58 8.34
N ALA B 114 -14.59 -1.80 9.54
CA ALA B 114 -15.29 -1.41 10.76
C ALA B 114 -14.50 -0.37 11.53
N VAL B 115 -15.12 0.77 11.77
CA VAL B 115 -14.46 1.81 12.56
C VAL B 115 -14.88 1.57 14.00
N ILE B 116 -13.89 1.44 14.88
CA ILE B 116 -14.13 1.17 16.30
C ILE B 116 -14.65 2.39 17.09
N GLY B 117 -15.85 2.21 17.64
CA GLY B 117 -16.50 3.26 18.42
C GLY B 117 -17.84 3.61 17.78
N ASP B 118 -18.51 4.66 18.26
CA ASP B 118 -19.77 5.11 17.68
C ASP B 118 -19.63 6.53 17.18
N PHE B 119 -20.26 6.80 16.05
CA PHE B 119 -20.17 8.11 15.44
C PHE B 119 -21.54 8.62 15.07
N GLY B 120 -22.48 8.45 15.97
CA GLY B 120 -23.83 8.92 15.73
C GLY B 120 -23.97 10.39 16.09
N LYS B 121 -23.01 10.89 16.88
CA LYS B 121 -23.03 12.29 17.32
C LYS B 121 -21.73 13.05 17.04
N LYS B 122 -20.59 12.37 17.12
CA LYS B 122 -19.31 13.00 16.85
C LYS B 122 -18.62 12.40 15.64
N GLU B 123 -18.17 13.25 14.73
CA GLU B 123 -17.48 12.80 13.53
C GLU B 123 -16.14 12.15 13.86
N PRO B 124 -15.60 11.34 12.93
CA PRO B 124 -14.32 10.66 13.13
C PRO B 124 -13.10 11.56 13.12
N SER B 125 -12.11 11.22 13.95
CA SER B 125 -10.87 11.98 14.04
C SER B 125 -10.16 11.99 12.69
N GLN B 126 -9.37 13.03 12.42
CA GLN B 126 -8.64 13.10 11.16
C GLN B 126 -7.69 11.92 11.08
N ALA B 127 -7.25 11.41 12.24
CA ALA B 127 -6.35 10.28 12.26
C ALA B 127 -7.04 9.05 11.69
N LEU B 128 -8.28 8.81 12.12
CA LEU B 128 -9.02 7.66 11.62
C LEU B 128 -9.29 7.84 10.12
N GLN B 129 -9.73 9.04 9.74
CA GLN B 129 -10.01 9.33 8.34
C GLN B 129 -8.79 9.05 7.46
N ASP B 130 -7.62 9.45 7.93
CA ASP B 130 -6.38 9.26 7.18
C ASP B 130 -6.02 7.80 7.01
N ALA B 131 -6.23 7.01 8.06
CA ALA B 131 -5.95 5.59 8.00
C ALA B 131 -6.83 4.96 6.93
N LEU B 132 -8.10 5.35 6.91
CA LEU B 132 -9.05 4.81 5.95
C LEU B 132 -8.62 5.11 4.52
N SER B 133 -8.23 6.36 4.27
CA SER B 133 -7.78 6.76 2.96
C SER B 133 -6.57 5.93 2.55
N LYS B 134 -5.66 5.72 3.50
CA LYS B 134 -4.45 4.94 3.27
C LYS B 134 -4.79 3.48 2.86
N LEU B 135 -5.60 2.81 3.67
CA LEU B 135 -6.02 1.44 3.42
C LEU B 135 -6.60 1.28 2.02
N ILE B 136 -7.31 2.30 1.57
CA ILE B 136 -7.92 2.29 0.26
C ILE B 136 -6.87 2.44 -0.84
N ILE B 137 -6.05 3.48 -0.72
CA ILE B 137 -5.00 3.75 -1.68
C ILE B 137 -4.04 2.57 -1.81
N CYS B 138 -3.59 2.04 -0.68
CA CYS B 138 -2.68 0.92 -0.72
C CYS B 138 -3.32 -0.33 -1.32
N GLY B 139 -4.57 -0.59 -0.97
CA GLY B 139 -5.27 -1.75 -1.49
C GLY B 139 -5.37 -1.68 -3.00
N GLN B 140 -5.63 -0.48 -3.50
CA GLN B 140 -5.75 -0.27 -4.94
C GLN B 140 -4.39 -0.44 -5.61
N ALA B 141 -3.34 0.10 -4.98
CA ALA B 141 -1.99 -0.01 -5.53
C ALA B 141 -1.63 -1.47 -5.73
N ALA B 142 -2.08 -2.32 -4.81
CA ALA B 142 -1.75 -3.74 -4.90
C ALA B 142 -2.83 -4.58 -5.60
N GLU B 143 -3.69 -3.93 -6.36
CA GLU B 143 -4.75 -4.61 -7.09
C GLU B 143 -5.71 -5.42 -6.23
N GLU B 144 -5.86 -5.05 -4.96
CA GLU B 144 -6.78 -5.75 -4.06
C GLU B 144 -8.15 -5.11 -4.22
N LEU B 145 -8.15 -3.81 -4.51
CA LEU B 145 -9.37 -3.02 -4.72
C LEU B 145 -9.33 -2.39 -6.11
N SER B 146 -10.49 -2.34 -6.77
CA SER B 146 -10.59 -1.74 -8.09
C SER B 146 -10.31 -0.25 -7.97
N SER B 147 -9.65 0.32 -8.97
CA SER B 147 -9.31 1.74 -8.95
C SER B 147 -10.50 2.70 -8.87
N GLY B 148 -11.72 2.18 -8.99
CA GLY B 148 -12.88 3.04 -8.89
C GLY B 148 -13.76 2.74 -7.68
N ALA B 149 -13.36 1.73 -6.91
CA ALA B 149 -14.10 1.29 -5.73
C ALA B 149 -14.79 2.45 -5.00
N ARG B 150 -16.10 2.33 -4.84
CA ARG B 150 -16.85 3.36 -4.14
C ARG B 150 -16.95 3.00 -2.66
N LEU B 151 -16.87 4.02 -1.81
CA LEU B 151 -17.00 3.84 -0.37
C LEU B 151 -18.52 3.94 -0.10
N ARG B 152 -19.11 2.91 0.48
CA ARG B 152 -20.54 2.92 0.75
C ARG B 152 -20.92 2.79 2.22
N THR B 153 -21.92 3.56 2.64
CA THR B 153 -22.40 3.51 4.01
C THR B 153 -23.67 4.33 4.15
N THR B 154 -24.27 4.28 5.33
CA THR B 154 -25.49 5.02 5.61
C THR B 154 -25.44 5.37 7.09
N PRO B 155 -26.35 6.25 7.54
CA PRO B 155 -26.37 6.63 8.95
C PRO B 155 -26.49 5.42 9.85
N ALA B 156 -27.33 4.48 9.45
CA ALA B 156 -27.56 3.25 10.21
C ALA B 156 -26.32 2.37 10.25
N MET B 157 -25.49 2.45 9.22
CA MET B 157 -24.27 1.64 9.18
C MET B 157 -23.11 2.17 10.00
N SER B 158 -22.68 3.39 9.71
CA SER B 158 -21.53 3.98 10.39
C SER B 158 -21.80 5.16 11.32
N GLY B 159 -23.07 5.49 11.56
CA GLY B 159 -23.40 6.59 12.44
C GLY B 159 -23.71 7.88 11.69
N GLN B 160 -24.69 8.63 12.18
CA GLN B 160 -25.08 9.88 11.53
C GLN B 160 -23.90 10.84 11.41
N ALA B 161 -23.15 11.02 12.49
CA ALA B 161 -22.01 11.92 12.44
C ALA B 161 -21.04 11.53 11.30
N PHE B 162 -20.72 10.25 11.18
CA PHE B 162 -19.82 9.80 10.11
C PHE B 162 -20.46 10.05 8.76
N TYR B 163 -21.71 9.62 8.60
CA TYR B 163 -22.42 9.81 7.34
C TYR B 163 -22.48 11.27 6.91
N ASP B 164 -22.84 12.15 7.84
CA ASP B 164 -22.96 13.59 7.57
C ASP B 164 -21.65 14.14 7.05
N MET B 165 -20.55 13.66 7.61
CA MET B 165 -19.23 14.12 7.21
C MET B 165 -18.91 13.79 5.75
N LEU B 166 -19.16 12.55 5.32
CA LEU B 166 -18.88 12.17 3.94
C LEU B 166 -19.76 12.98 3.00
N ASP B 167 -20.96 13.28 3.46
CA ASP B 167 -21.92 14.06 2.68
C ASP B 167 -21.40 15.48 2.48
N ARG B 168 -20.75 16.03 3.50
CA ARG B 168 -20.20 17.38 3.44
C ARG B 168 -18.93 17.50 2.62
N CYS B 169 -17.98 16.62 2.86
CA CYS B 169 -16.71 16.68 2.13
C CYS B 169 -16.68 15.85 0.87
N ASP B 170 -17.84 15.42 0.40
CA ASP B 170 -17.93 14.60 -0.79
C ASP B 170 -16.82 13.56 -0.69
N GLY B 171 -16.90 12.73 0.36
CA GLY B 171 -15.89 11.71 0.61
C GLY B 171 -15.27 12.00 1.96
N LEU B 172 -14.01 11.60 2.15
CA LEU B 172 -13.31 11.87 3.41
C LEU B 172 -12.76 13.29 3.28
N CYS B 173 -12.84 14.08 4.36
CA CYS B 173 -12.40 15.49 4.39
C CYS B 173 -10.95 15.87 4.08
N LEU B 174 -10.75 17.17 3.82
CA LEU B 174 -9.44 17.74 3.49
C LEU B 174 -9.11 17.44 2.04
#